data_1PJD
# 
_entry.id   1PJD 
# 
_audit_conform.dict_name       mmcif_pdbx.dic 
_audit_conform.dict_version    5.392 
_audit_conform.dict_location   http://mmcif.pdb.org/dictionaries/ascii/mmcif_pdbx.dic 
# 
loop_
_database_2.database_id 
_database_2.database_code 
_database_2.pdbx_database_accession 
_database_2.pdbx_DOI 
PDB   1PJD         pdb_00001pjd 10.2210/pdb1pjd/pdb 
RCSB  RCSB019358   ?            ?                   
WWPDB D_1000019358 ?            ?                   
# 
loop_
_pdbx_audit_revision_history.ordinal 
_pdbx_audit_revision_history.data_content_type 
_pdbx_audit_revision_history.major_revision 
_pdbx_audit_revision_history.minor_revision 
_pdbx_audit_revision_history.revision_date 
1 'Structure model' 1 0 2003-09-16 
2 'Structure model' 1 1 2008-04-29 
3 'Structure model' 1 2 2011-07-13 
4 'Structure model' 1 3 2021-10-27 
5 'Structure model' 1 4 2024-05-22 
# 
_pdbx_audit_revision_details.ordinal             1 
_pdbx_audit_revision_details.revision_ordinal    1 
_pdbx_audit_revision_details.data_content_type   'Structure model' 
_pdbx_audit_revision_details.provider            repository 
_pdbx_audit_revision_details.type                'Initial release' 
_pdbx_audit_revision_details.description         ? 
_pdbx_audit_revision_details.details             ? 
# 
loop_
_pdbx_audit_revision_group.ordinal 
_pdbx_audit_revision_group.revision_ordinal 
_pdbx_audit_revision_group.data_content_type 
_pdbx_audit_revision_group.group 
1 2 'Structure model' 'Version format compliance' 
2 3 'Structure model' 'Version format compliance' 
3 4 'Structure model' Advisory                    
4 4 'Structure model' 'Data collection'           
5 4 'Structure model' 'Database references'       
6 4 'Structure model' 'Derived calculations'      
7 5 'Structure model' 'Data collection'           
# 
loop_
_pdbx_audit_revision_category.ordinal 
_pdbx_audit_revision_category.revision_ordinal 
_pdbx_audit_revision_category.data_content_type 
_pdbx_audit_revision_category.category 
1 4 'Structure model' database_2            
2 4 'Structure model' pdbx_database_remark  
3 4 'Structure model' pdbx_nmr_software     
4 4 'Structure model' pdbx_struct_assembly  
5 4 'Structure model' pdbx_struct_oper_list 
6 4 'Structure model' struct_ref_seq_dif    
7 5 'Structure model' chem_comp_atom        
8 5 'Structure model' chem_comp_bond        
# 
loop_
_pdbx_audit_revision_item.ordinal 
_pdbx_audit_revision_item.revision_ordinal 
_pdbx_audit_revision_item.data_content_type 
_pdbx_audit_revision_item.item 
1 4 'Structure model' '_database_2.pdbx_DOI'                
2 4 'Structure model' '_database_2.pdbx_database_accession' 
3 4 'Structure model' '_pdbx_database_remark.text'          
4 4 'Structure model' '_pdbx_nmr_software.name'             
5 4 'Structure model' '_struct_ref_seq_dif.details'         
# 
_pdbx_database_status.status_code                     REL 
_pdbx_database_status.entry_id                        1PJD 
_pdbx_database_status.recvd_initial_deposition_date   2003-06-02 
_pdbx_database_status.deposit_site                    RCSB 
_pdbx_database_status.process_site                    RCSB 
_pdbx_database_status.status_code_mr                  REL 
_pdbx_database_status.SG_entry                        . 
_pdbx_database_status.pdb_format_compatible           Y 
_pdbx_database_status.status_code_sf                  ? 
_pdbx_database_status.status_code_cs                  ? 
_pdbx_database_status.status_code_nmr_data            ? 
_pdbx_database_status.methods_development_category    ? 
# 
loop_
_audit_author.name 
_audit_author.pdbx_ordinal 
'Valentine, K.G.' 1  
'Liu, S.-F.'      2  
'Marassi, F.M.'   3  
'Veglia, G.'      4  
'Nevzorov, A.A.'  5  
'Opella, S.J.'    6  
'Ding, F.-X.'     7  
'Wang, S.-H.'     8  
'Arshava, B.'     9  
'Becker, J.M.'    10 
'Naider, F.'      11 
# 
_citation.id                        primary 
_citation.title                     
;Structure and Topology of a Peptide Segment of the 6th Transmembrane Domain of the Saccharomyces cerevisiae alpha-Factor Receptor in Phospholipid Bilayers
;
_citation.journal_abbrev            Biopolymers 
_citation.journal_volume            59 
_citation.page_first                243 
_citation.page_last                 256 
_citation.year                      2001 
_citation.journal_id_ASTM           BIPMAA 
_citation.country                   US 
_citation.journal_id_ISSN           0006-3525 
_citation.journal_id_CSD            0161 
_citation.book_publisher            ? 
_citation.pdbx_database_id_PubMed   11473349 
_citation.pdbx_database_id_DOI      '10.1002/1097-0282(20011005)59:4<243::AID-BIP1021>3.0.CO;2-H' 
# 
loop_
_citation_author.citation_id 
_citation_author.name 
_citation_author.ordinal 
_citation_author.identifier_ORCID 
primary 'Valentine, K.G.' 1  ? 
primary 'Liu, S.-F.'      2  ? 
primary 'Marassi, F.M.'   3  ? 
primary 'Veglia, G.'      4  ? 
primary 'Opella, S.J.'    5  ? 
primary 'Ding, F.-X.'     6  ? 
primary 'Wang, S.-H.'     7  ? 
primary 'Arshava, B.'     8  ? 
primary 'Becker, J.M.'    9  ? 
primary 'Naider, F.'      10 ? 
# 
_entity.id                         1 
_entity.type                       polymer 
_entity.src_method                 syn 
_entity.pdbx_description           'Pheromone alpha factor receptor' 
_entity.formula_weight             1977.411 
_entity.pdbx_number_of_molecules   1 
_entity.pdbx_ec                    ? 
_entity.pdbx_mutation              C252A 
_entity.pdbx_fragment              ? 
_entity.details                    ? 
# 
_entity_poly.entity_id                      1 
_entity_poly.type                           'polypeptide(L)' 
_entity_poly.nstd_linkage                   no 
_entity_poly.nstd_monomer                   no 
_entity_poly.pdbx_seq_one_letter_code       AQSLLVPSIIFILAYSLK 
_entity_poly.pdbx_seq_one_letter_code_can   AQSLLVPSIIFILAYSLK 
_entity_poly.pdbx_strand_id                 A 
_entity_poly.pdbx_target_identifier         ? 
# 
loop_
_entity_poly_seq.entity_id 
_entity_poly_seq.num 
_entity_poly_seq.mon_id 
_entity_poly_seq.hetero 
1 1  ALA n 
1 2  GLN n 
1 3  SER n 
1 4  LEU n 
1 5  LEU n 
1 6  VAL n 
1 7  PRO n 
1 8  SER n 
1 9  ILE n 
1 10 ILE n 
1 11 PHE n 
1 12 ILE n 
1 13 LEU n 
1 14 ALA n 
1 15 TYR n 
1 16 SER n 
1 17 LEU n 
1 18 LYS n 
# 
_pdbx_entity_src_syn.entity_id              1 
_pdbx_entity_src_syn.pdbx_src_id            1 
_pdbx_entity_src_syn.pdbx_alt_source_flag   sample 
_pdbx_entity_src_syn.pdbx_beg_seq_num       ? 
_pdbx_entity_src_syn.pdbx_end_seq_num       ? 
_pdbx_entity_src_syn.organism_scientific    ? 
_pdbx_entity_src_syn.organism_common_name   ? 
_pdbx_entity_src_syn.ncbi_taxonomy_id       ? 
_pdbx_entity_src_syn.details                
;This sequence occurs naturally in a portion of the 6th transmembrane domain of the alpha factor receptor of Saccharomyces cerevisiae. 15N selectively labeled Fmoc-Leu, -Ala, -Phe, -Val, -Ile were used.
;
# 
loop_
_chem_comp.id 
_chem_comp.type 
_chem_comp.mon_nstd_flag 
_chem_comp.name 
_chem_comp.pdbx_synonyms 
_chem_comp.formula 
_chem_comp.formula_weight 
ALA 'L-peptide linking' y ALANINE       ? 'C3 H7 N O2'     89.093  
CYS 'L-peptide linking' y CYSTEINE      ? 'C3 H7 N O2 S'   121.158 
GLN 'L-peptide linking' y GLUTAMINE     ? 'C5 H10 N2 O3'   146.144 
ILE 'L-peptide linking' y ISOLEUCINE    ? 'C6 H13 N O2'    131.173 
LEU 'L-peptide linking' y LEUCINE       ? 'C6 H13 N O2'    131.173 
LYS 'L-peptide linking' y LYSINE        ? 'C6 H15 N2 O2 1' 147.195 
PHE 'L-peptide linking' y PHENYLALANINE ? 'C9 H11 N O2'    165.189 
PRO 'L-peptide linking' y PROLINE       ? 'C5 H9 N O2'     115.130 
SER 'L-peptide linking' y SERINE        ? 'C3 H7 N O3'     105.093 
TYR 'L-peptide linking' y TYROSINE      ? 'C9 H11 N O3'    181.189 
VAL 'L-peptide linking' y VALINE        ? 'C5 H11 N O2'    117.146 
# 
loop_
_pdbx_poly_seq_scheme.asym_id 
_pdbx_poly_seq_scheme.entity_id 
_pdbx_poly_seq_scheme.seq_id 
_pdbx_poly_seq_scheme.mon_id 
_pdbx_poly_seq_scheme.ndb_seq_num 
_pdbx_poly_seq_scheme.pdb_seq_num 
_pdbx_poly_seq_scheme.auth_seq_num 
_pdbx_poly_seq_scheme.pdb_mon_id 
_pdbx_poly_seq_scheme.auth_mon_id 
_pdbx_poly_seq_scheme.pdb_strand_id 
_pdbx_poly_seq_scheme.pdb_ins_code 
_pdbx_poly_seq_scheme.hetero 
A 1 1  ALA 1  1  ?  ?   ?   A . n 
A 1 2  GLN 2  2  ?  ?   ?   A . n 
A 1 3  SER 3  3  3  SER SER A . n 
A 1 4  LEU 4  4  4  LEU LEU A . n 
A 1 5  LEU 5  5  5  LEU LEU A . n 
A 1 6  VAL 6  6  6  VAL VAL A . n 
A 1 7  PRO 7  7  7  PRO PRO A . n 
A 1 8  SER 8  8  8  SER SER A . n 
A 1 9  ILE 9  9  9  ILE ILE A . n 
A 1 10 ILE 10 10 10 ILE ILE A . n 
A 1 11 PHE 11 11 11 PHE PHE A . n 
A 1 12 ILE 12 12 12 ILE ILE A . n 
A 1 13 LEU 13 13 13 LEU LEU A . n 
A 1 14 ALA 14 14 14 ALA ALA A . n 
A 1 15 TYR 15 15 15 TYR TYR A . n 
A 1 16 SER 16 16 16 SER SER A . n 
A 1 17 LEU 17 17 17 LEU LEU A . n 
A 1 18 LYS 18 18 ?  ?   ?   A . n 
# 
loop_
_pdbx_unobs_or_zero_occ_atoms.id 
_pdbx_unobs_or_zero_occ_atoms.PDB_model_num 
_pdbx_unobs_or_zero_occ_atoms.polymer_flag 
_pdbx_unobs_or_zero_occ_atoms.occupancy_flag 
_pdbx_unobs_or_zero_occ_atoms.auth_asym_id 
_pdbx_unobs_or_zero_occ_atoms.auth_comp_id 
_pdbx_unobs_or_zero_occ_atoms.auth_seq_id 
_pdbx_unobs_or_zero_occ_atoms.PDB_ins_code 
_pdbx_unobs_or_zero_occ_atoms.auth_atom_id 
_pdbx_unobs_or_zero_occ_atoms.label_alt_id 
_pdbx_unobs_or_zero_occ_atoms.label_asym_id 
_pdbx_unobs_or_zero_occ_atoms.label_comp_id 
_pdbx_unobs_or_zero_occ_atoms.label_seq_id 
_pdbx_unobs_or_zero_occ_atoms.label_atom_id 
1  1 Y 1 A SER 3  ? N   ? A SER 3  N   
2  1 Y 1 A SER 3  ? CB  ? A SER 3  CB  
3  1 Y 1 A SER 3  ? OG  ? A SER 3  OG  
4  1 Y 1 A LEU 4  ? CB  ? A LEU 4  CB  
5  1 Y 1 A LEU 4  ? CG  ? A LEU 4  CG  
6  1 Y 1 A LEU 4  ? CD1 ? A LEU 4  CD1 
7  1 Y 1 A LEU 4  ? CD2 ? A LEU 4  CD2 
8  1 Y 1 A LEU 5  ? CB  ? A LEU 5  CB  
9  1 Y 1 A LEU 5  ? CG  ? A LEU 5  CG  
10 1 Y 1 A LEU 5  ? CD1 ? A LEU 5  CD1 
11 1 Y 1 A LEU 5  ? CD2 ? A LEU 5  CD2 
12 1 Y 1 A VAL 6  ? CB  ? A VAL 6  CB  
13 1 Y 1 A VAL 6  ? CG1 ? A VAL 6  CG1 
14 1 Y 1 A VAL 6  ? CG2 ? A VAL 6  CG2 
15 1 Y 1 A PRO 7  ? CB  ? A PRO 7  CB  
16 1 Y 1 A PRO 7  ? CG  ? A PRO 7  CG  
17 1 Y 1 A PRO 7  ? CD  ? A PRO 7  CD  
18 1 Y 1 A SER 8  ? CB  ? A SER 8  CB  
19 1 Y 1 A SER 8  ? OG  ? A SER 8  OG  
20 1 Y 1 A ILE 9  ? CB  ? A ILE 9  CB  
21 1 Y 1 A ILE 9  ? CG1 ? A ILE 9  CG1 
22 1 Y 1 A ILE 9  ? CG2 ? A ILE 9  CG2 
23 1 Y 1 A ILE 9  ? CD1 ? A ILE 9  CD1 
24 1 Y 1 A ILE 10 ? CB  ? A ILE 10 CB  
25 1 Y 1 A ILE 10 ? CG1 ? A ILE 10 CG1 
26 1 Y 1 A ILE 10 ? CG2 ? A ILE 10 CG2 
27 1 Y 1 A ILE 10 ? CD1 ? A ILE 10 CD1 
28 1 Y 1 A PHE 11 ? CB  ? A PHE 11 CB  
29 1 Y 1 A PHE 11 ? CG  ? A PHE 11 CG  
30 1 Y 1 A PHE 11 ? CD1 ? A PHE 11 CD1 
31 1 Y 1 A PHE 11 ? CD2 ? A PHE 11 CD2 
32 1 Y 1 A PHE 11 ? CE1 ? A PHE 11 CE1 
33 1 Y 1 A PHE 11 ? CE2 ? A PHE 11 CE2 
34 1 Y 1 A PHE 11 ? CZ  ? A PHE 11 CZ  
35 1 Y 1 A ILE 12 ? CB  ? A ILE 12 CB  
36 1 Y 1 A ILE 12 ? CG1 ? A ILE 12 CG1 
37 1 Y 1 A ILE 12 ? CG2 ? A ILE 12 CG2 
38 1 Y 1 A ILE 12 ? CD1 ? A ILE 12 CD1 
39 1 Y 1 A LEU 13 ? CB  ? A LEU 13 CB  
40 1 Y 1 A LEU 13 ? CG  ? A LEU 13 CG  
41 1 Y 1 A LEU 13 ? CD1 ? A LEU 13 CD1 
42 1 Y 1 A LEU 13 ? CD2 ? A LEU 13 CD2 
43 1 Y 1 A ALA 14 ? CB  ? A ALA 14 CB  
44 1 Y 1 A TYR 15 ? CB  ? A TYR 15 CB  
45 1 Y 1 A TYR 15 ? CG  ? A TYR 15 CG  
46 1 Y 1 A TYR 15 ? CD1 ? A TYR 15 CD1 
47 1 Y 1 A TYR 15 ? CD2 ? A TYR 15 CD2 
48 1 Y 1 A TYR 15 ? CE1 ? A TYR 15 CE1 
49 1 Y 1 A TYR 15 ? CE2 ? A TYR 15 CE2 
50 1 Y 1 A TYR 15 ? CZ  ? A TYR 15 CZ  
51 1 Y 1 A TYR 15 ? OH  ? A TYR 15 OH  
52 1 Y 1 A SER 16 ? CB  ? A SER 16 CB  
53 1 Y 1 A SER 16 ? OG  ? A SER 16 OG  
54 1 Y 1 A LEU 17 ? C   ? A LEU 17 C   
55 1 Y 1 A LEU 17 ? O   ? A LEU 17 O   
56 1 Y 1 A LEU 17 ? CB  ? A LEU 17 CB  
57 1 Y 1 A LEU 17 ? CG  ? A LEU 17 CG  
58 1 Y 1 A LEU 17 ? CD1 ? A LEU 17 CD1 
59 1 Y 1 A LEU 17 ? CD2 ? A LEU 17 CD2 
# 
_exptl.entry_id          1PJD 
_exptl.method            'SOLID-STATE NMR' 
_exptl.crystals_number   ? 
# 
_exptl_crystal.id                    1 
_exptl_crystal.density_meas          ? 
_exptl_crystal.density_Matthews      ? 
_exptl_crystal.density_percent_sol   ? 
_exptl_crystal.description           ? 
# 
_diffrn.id                     1 
_diffrn.ambient_temp           ? 
_diffrn.ambient_temp_details   ? 
_diffrn.crystal_id             1 
# 
_diffrn_radiation.diffrn_id                        1 
_diffrn_radiation.wavelength_id                    1 
_diffrn_radiation.pdbx_monochromatic_or_laue_m_l   M 
_diffrn_radiation.monochromator                    ? 
_diffrn_radiation.pdbx_diffrn_protocol             'SINGLE WAVELENGTH' 
_diffrn_radiation.pdbx_scattering_type             ? 
# 
_diffrn_radiation_wavelength.id           1 
_diffrn_radiation_wavelength.wavelength   . 
_diffrn_radiation_wavelength.wt           1.0 
# 
_struct.entry_id                  1PJD 
_struct.title                     
;Structure and Topology of a Peptide Segment of the 6th Transmembrane Domain of the Saccharomyces cerevisiae alpha-Factor Receptor in Phospholipid Bilayers
;
_struct.pdbx_model_details        ? 
_struct.pdbx_CASP_flag            ? 
_struct.pdbx_model_type_details   ? 
# 
_struct_keywords.entry_id        1PJD 
_struct_keywords.pdbx_keywords   'MEMBRANE PROTEIN' 
_struct_keywords.text            'ALPHA HELIX, MEMBRANE PROTEIN' 
# 
_struct_asym.id                            A 
_struct_asym.pdbx_blank_PDB_chainid_flag   N 
_struct_asym.pdbx_modified                 N 
_struct_asym.entity_id                     1 
_struct_asym.details                       ? 
# 
_struct_ref.id                         1 
_struct_ref.db_name                    UNP 
_struct_ref.db_code                    STE2_YEAST 
_struct_ref.pdbx_db_accession          P06842 
_struct_ref.entity_id                  1 
_struct_ref.pdbx_seq_one_letter_code   CQSLLVPSIIFILAYSLK 
_struct_ref.pdbx_align_begin           252 
_struct_ref.pdbx_db_isoform            ? 
# 
_struct_ref_seq.align_id                      1 
_struct_ref_seq.ref_id                        1 
_struct_ref_seq.pdbx_PDB_id_code              1PJD 
_struct_ref_seq.pdbx_strand_id                A 
_struct_ref_seq.seq_align_beg                 1 
_struct_ref_seq.pdbx_seq_align_beg_ins_code   ? 
_struct_ref_seq.seq_align_end                 18 
_struct_ref_seq.pdbx_seq_align_end_ins_code   ? 
_struct_ref_seq.pdbx_db_accession             P06842 
_struct_ref_seq.db_align_beg                  252 
_struct_ref_seq.pdbx_db_align_beg_ins_code    ? 
_struct_ref_seq.db_align_end                  269 
_struct_ref_seq.pdbx_db_align_end_ins_code    ? 
_struct_ref_seq.pdbx_auth_seq_align_beg       1 
_struct_ref_seq.pdbx_auth_seq_align_end       18 
# 
_struct_ref_seq_dif.align_id                     1 
_struct_ref_seq_dif.pdbx_pdb_id_code             1PJD 
_struct_ref_seq_dif.mon_id                       ALA 
_struct_ref_seq_dif.pdbx_pdb_strand_id           A 
_struct_ref_seq_dif.seq_num                      1 
_struct_ref_seq_dif.pdbx_pdb_ins_code            ? 
_struct_ref_seq_dif.pdbx_seq_db_name             UNP 
_struct_ref_seq_dif.pdbx_seq_db_accession_code   P06842 
_struct_ref_seq_dif.db_mon_id                    CYS 
_struct_ref_seq_dif.pdbx_seq_db_seq_num          252 
_struct_ref_seq_dif.details                      'engineered mutation' 
_struct_ref_seq_dif.pdbx_auth_seq_num            1 
_struct_ref_seq_dif.pdbx_ordinal                 1 
# 
_pdbx_struct_assembly.id                   1 
_pdbx_struct_assembly.details              author_defined_assembly 
_pdbx_struct_assembly.method_details       ? 
_pdbx_struct_assembly.oligomeric_details   monomeric 
_pdbx_struct_assembly.oligomeric_count     1 
# 
_pdbx_struct_assembly_gen.assembly_id       1 
_pdbx_struct_assembly_gen.oper_expression   1 
_pdbx_struct_assembly_gen.asym_id_list      A 
# 
_pdbx_struct_oper_list.id                   1 
_pdbx_struct_oper_list.type                 'identity operation' 
_pdbx_struct_oper_list.name                 1_555 
_pdbx_struct_oper_list.symmetry_operation   ? 
_pdbx_struct_oper_list.matrix[1][1]         1.0000000000 
_pdbx_struct_oper_list.matrix[1][2]         0.0000000000 
_pdbx_struct_oper_list.matrix[1][3]         0.0000000000 
_pdbx_struct_oper_list.vector[1]            0.0000000000 
_pdbx_struct_oper_list.matrix[2][1]         0.0000000000 
_pdbx_struct_oper_list.matrix[2][2]         1.0000000000 
_pdbx_struct_oper_list.matrix[2][3]         0.0000000000 
_pdbx_struct_oper_list.vector[2]            0.0000000000 
_pdbx_struct_oper_list.matrix[3][1]         0.0000000000 
_pdbx_struct_oper_list.matrix[3][2]         0.0000000000 
_pdbx_struct_oper_list.matrix[3][3]         1.0000000000 
_pdbx_struct_oper_list.vector[3]            0.0000000000 
# 
_struct_biol.id   1 
# 
loop_
_struct_conf.conf_type_id 
_struct_conf.id 
_struct_conf.pdbx_PDB_helix_id 
_struct_conf.beg_label_comp_id 
_struct_conf.beg_label_asym_id 
_struct_conf.beg_label_seq_id 
_struct_conf.pdbx_beg_PDB_ins_code 
_struct_conf.end_label_comp_id 
_struct_conf.end_label_asym_id 
_struct_conf.end_label_seq_id 
_struct_conf.pdbx_end_PDB_ins_code 
_struct_conf.beg_auth_comp_id 
_struct_conf.beg_auth_asym_id 
_struct_conf.beg_auth_seq_id 
_struct_conf.end_auth_comp_id 
_struct_conf.end_auth_asym_id 
_struct_conf.end_auth_seq_id 
_struct_conf.pdbx_PDB_helix_class 
_struct_conf.details 
_struct_conf.pdbx_PDB_helix_length 
HELX_P HELX_P1 1 LEU A 4  ? ALA A 14 ? LEU A 4  ALA A 14 1 ? 11 
HELX_P HELX_P2 2 TYR A 15 ? LEU A 17 ? TYR A 15 LEU A 17 5 ? 3  
# 
_struct_conf_type.id          HELX_P 
_struct_conf_type.criteria    ? 
_struct_conf_type.reference   ? 
# 
_pdbx_validate_close_contact.id               1 
_pdbx_validate_close_contact.PDB_model_num    1 
_pdbx_validate_close_contact.auth_atom_id_1   O 
_pdbx_validate_close_contact.auth_asym_id_1   A 
_pdbx_validate_close_contact.auth_comp_id_1   LEU 
_pdbx_validate_close_contact.auth_seq_id_1    13 
_pdbx_validate_close_contact.PDB_ins_code_1   ? 
_pdbx_validate_close_contact.label_alt_id_1   ? 
_pdbx_validate_close_contact.auth_atom_id_2   H 
_pdbx_validate_close_contact.auth_asym_id_2   A 
_pdbx_validate_close_contact.auth_comp_id_2   SER 
_pdbx_validate_close_contact.auth_seq_id_2    16 
_pdbx_validate_close_contact.PDB_ins_code_2   ? 
_pdbx_validate_close_contact.label_alt_id_2   ? 
_pdbx_validate_close_contact.dist             1.55 
# 
loop_
_pdbx_validate_torsion.id 
_pdbx_validate_torsion.PDB_model_num 
_pdbx_validate_torsion.auth_comp_id 
_pdbx_validate_torsion.auth_asym_id 
_pdbx_validate_torsion.auth_seq_id 
_pdbx_validate_torsion.PDB_ins_code 
_pdbx_validate_torsion.label_alt_id 
_pdbx_validate_torsion.phi 
_pdbx_validate_torsion.psi 
1 1 VAL A 6  ? ? -35.12 -31.46 
2 1 ILE A 9  ? ? -35.21 -31.11 
3 1 ALA A 14 ? ? -45.67 -18.93 
# 
_pdbx_database_remark.id     215 
_pdbx_database_remark.text   
;NMR STUDY
THE COORDINATES IN THIS ENTRY WERE GENERATED FROM SOLID-
STATE NMR DATA.  PROTEIN DATA BANK CONVENTIONS REQUIRE
THAT CRYST1 AND SCALE RECORDS BE INCLUDED, BUT THE VALUES
ON THESE RECORDS ARE MEANINGLESS.
;
# 
_pdbx_nmr_ensemble.entry_id                                      1PJD 
_pdbx_nmr_ensemble.conformers_calculated_total_number            100 
_pdbx_nmr_ensemble.conformers_submitted_total_number             1 
_pdbx_nmr_ensemble.conformer_selection_criteria                  ? 
_pdbx_nmr_ensemble.average_constraints_per_residue               ? 
_pdbx_nmr_ensemble.average_constraint_violations_per_residue     ? 
_pdbx_nmr_ensemble.maximum_distance_constraint_violation         ? 
_pdbx_nmr_ensemble.average_distance_constraint_violation         ? 
_pdbx_nmr_ensemble.maximum_upper_distance_constraint_violation   ? 
_pdbx_nmr_ensemble.maximum_lower_distance_constraint_violation   ? 
_pdbx_nmr_ensemble.distance_constraint_violation_method          ? 
_pdbx_nmr_ensemble.maximum_torsion_angle_constraint_violation    ? 
_pdbx_nmr_ensemble.average_torsion_angle_constraint_violation    ? 
_pdbx_nmr_ensemble.torsion_angle_constraint_violation_method     ? 
# 
_pdbx_nmr_representative.entry_id             1PJD 
_pdbx_nmr_representative.conformer_id         1 
_pdbx_nmr_representative.selection_criteria   'minimized average structure' 
# 
_pdbx_nmr_sample_details.solution_id      1 
_pdbx_nmr_sample_details.contents         'Aligned sample on glass plates' 
_pdbx_nmr_sample_details.solvent_system   ? 
# 
_pdbx_nmr_exptl_sample_conditions.conditions_id       1 
_pdbx_nmr_exptl_sample_conditions.temperature         278 
_pdbx_nmr_exptl_sample_conditions.pressure            ambient 
_pdbx_nmr_exptl_sample_conditions.pH                  7.0 
_pdbx_nmr_exptl_sample_conditions.ionic_strength      ? 
_pdbx_nmr_exptl_sample_conditions.pressure_units      ? 
_pdbx_nmr_exptl_sample_conditions.temperature_units   K 
# 
_pdbx_nmr_exptl.experiment_id   1 
_pdbx_nmr_exptl.solution_id     1 
_pdbx_nmr_exptl.conditions_id   1 
_pdbx_nmr_exptl.type            PISEMA 
# 
_pdbx_nmr_details.entry_id   1PJD 
_pdbx_nmr_details.text       'PISEMA: Polarization Inversion Spin Exchange at the Magic Angle' 
# 
_pdbx_nmr_refine.entry_id           1PJD 
_pdbx_nmr_refine.method             'Direct structural fitting of 2D solid-state NMR spectra' 
_pdbx_nmr_refine.details            
;This structure was calculated by using a structural fitting algorithm that finds torsion angles between consecutive residues based on their NMR frequencies.
;
_pdbx_nmr_refine.software_ordinal   1 
# 
loop_
_pdbx_nmr_software.name 
_pdbx_nmr_software.version 
_pdbx_nmr_software.classification 
_pdbx_nmr_software.authors 
_pdbx_nmr_software.ordinal 
Felix               97  processing           Accelrys           1 
'Sructural Fitting' 1.0 'structure solution' 'Nevzorov, Opella' 2 
'Sructural Fitting' 1.0 refinement           'Nevzorov, Opella' 3 
# 
loop_
_pdbx_unobs_or_zero_occ_residues.id 
_pdbx_unobs_or_zero_occ_residues.PDB_model_num 
_pdbx_unobs_or_zero_occ_residues.polymer_flag 
_pdbx_unobs_or_zero_occ_residues.occupancy_flag 
_pdbx_unobs_or_zero_occ_residues.auth_asym_id 
_pdbx_unobs_or_zero_occ_residues.auth_comp_id 
_pdbx_unobs_or_zero_occ_residues.auth_seq_id 
_pdbx_unobs_or_zero_occ_residues.PDB_ins_code 
_pdbx_unobs_or_zero_occ_residues.label_asym_id 
_pdbx_unobs_or_zero_occ_residues.label_comp_id 
_pdbx_unobs_or_zero_occ_residues.label_seq_id 
1 1 Y 1 A ALA 1  ? A ALA 1  
2 1 Y 1 A GLN 2  ? A GLN 2  
3 1 Y 1 A LYS 18 ? A LYS 18 
# 
loop_
_chem_comp_atom.comp_id 
_chem_comp_atom.atom_id 
_chem_comp_atom.type_symbol 
_chem_comp_atom.pdbx_aromatic_flag 
_chem_comp_atom.pdbx_stereo_config 
_chem_comp_atom.pdbx_ordinal 
ALA N    N N N 1   
ALA CA   C N S 2   
ALA C    C N N 3   
ALA O    O N N 4   
ALA CB   C N N 5   
ALA OXT  O N N 6   
ALA H    H N N 7   
ALA H2   H N N 8   
ALA HA   H N N 9   
ALA HB1  H N N 10  
ALA HB2  H N N 11  
ALA HB3  H N N 12  
ALA HXT  H N N 13  
CYS N    N N N 14  
CYS CA   C N R 15  
CYS C    C N N 16  
CYS O    O N N 17  
CYS CB   C N N 18  
CYS SG   S N N 19  
CYS OXT  O N N 20  
CYS H    H N N 21  
CYS H2   H N N 22  
CYS HA   H N N 23  
CYS HB2  H N N 24  
CYS HB3  H N N 25  
CYS HG   H N N 26  
CYS HXT  H N N 27  
GLN N    N N N 28  
GLN CA   C N S 29  
GLN C    C N N 30  
GLN O    O N N 31  
GLN CB   C N N 32  
GLN CG   C N N 33  
GLN CD   C N N 34  
GLN OE1  O N N 35  
GLN NE2  N N N 36  
GLN OXT  O N N 37  
GLN H    H N N 38  
GLN H2   H N N 39  
GLN HA   H N N 40  
GLN HB2  H N N 41  
GLN HB3  H N N 42  
GLN HG2  H N N 43  
GLN HG3  H N N 44  
GLN HE21 H N N 45  
GLN HE22 H N N 46  
GLN HXT  H N N 47  
ILE N    N N N 48  
ILE CA   C N S 49  
ILE C    C N N 50  
ILE O    O N N 51  
ILE CB   C N S 52  
ILE CG1  C N N 53  
ILE CG2  C N N 54  
ILE CD1  C N N 55  
ILE OXT  O N N 56  
ILE H    H N N 57  
ILE H2   H N N 58  
ILE HA   H N N 59  
ILE HB   H N N 60  
ILE HG12 H N N 61  
ILE HG13 H N N 62  
ILE HG21 H N N 63  
ILE HG22 H N N 64  
ILE HG23 H N N 65  
ILE HD11 H N N 66  
ILE HD12 H N N 67  
ILE HD13 H N N 68  
ILE HXT  H N N 69  
LEU N    N N N 70  
LEU CA   C N S 71  
LEU C    C N N 72  
LEU O    O N N 73  
LEU CB   C N N 74  
LEU CG   C N N 75  
LEU CD1  C N N 76  
LEU CD2  C N N 77  
LEU OXT  O N N 78  
LEU H    H N N 79  
LEU H2   H N N 80  
LEU HA   H N N 81  
LEU HB2  H N N 82  
LEU HB3  H N N 83  
LEU HG   H N N 84  
LEU HD11 H N N 85  
LEU HD12 H N N 86  
LEU HD13 H N N 87  
LEU HD21 H N N 88  
LEU HD22 H N N 89  
LEU HD23 H N N 90  
LEU HXT  H N N 91  
LYS N    N N N 92  
LYS CA   C N S 93  
LYS C    C N N 94  
LYS O    O N N 95  
LYS CB   C N N 96  
LYS CG   C N N 97  
LYS CD   C N N 98  
LYS CE   C N N 99  
LYS NZ   N N N 100 
LYS OXT  O N N 101 
LYS H    H N N 102 
LYS H2   H N N 103 
LYS HA   H N N 104 
LYS HB2  H N N 105 
LYS HB3  H N N 106 
LYS HG2  H N N 107 
LYS HG3  H N N 108 
LYS HD2  H N N 109 
LYS HD3  H N N 110 
LYS HE2  H N N 111 
LYS HE3  H N N 112 
LYS HZ1  H N N 113 
LYS HZ2  H N N 114 
LYS HZ3  H N N 115 
LYS HXT  H N N 116 
PHE N    N N N 117 
PHE CA   C N S 118 
PHE C    C N N 119 
PHE O    O N N 120 
PHE CB   C N N 121 
PHE CG   C Y N 122 
PHE CD1  C Y N 123 
PHE CD2  C Y N 124 
PHE CE1  C Y N 125 
PHE CE2  C Y N 126 
PHE CZ   C Y N 127 
PHE OXT  O N N 128 
PHE H    H N N 129 
PHE H2   H N N 130 
PHE HA   H N N 131 
PHE HB2  H N N 132 
PHE HB3  H N N 133 
PHE HD1  H N N 134 
PHE HD2  H N N 135 
PHE HE1  H N N 136 
PHE HE2  H N N 137 
PHE HZ   H N N 138 
PHE HXT  H N N 139 
PRO N    N N N 140 
PRO CA   C N S 141 
PRO C    C N N 142 
PRO O    O N N 143 
PRO CB   C N N 144 
PRO CG   C N N 145 
PRO CD   C N N 146 
PRO OXT  O N N 147 
PRO H    H N N 148 
PRO HA   H N N 149 
PRO HB2  H N N 150 
PRO HB3  H N N 151 
PRO HG2  H N N 152 
PRO HG3  H N N 153 
PRO HD2  H N N 154 
PRO HD3  H N N 155 
PRO HXT  H N N 156 
SER N    N N N 157 
SER CA   C N S 158 
SER C    C N N 159 
SER O    O N N 160 
SER CB   C N N 161 
SER OG   O N N 162 
SER OXT  O N N 163 
SER H    H N N 164 
SER H2   H N N 165 
SER HA   H N N 166 
SER HB2  H N N 167 
SER HB3  H N N 168 
SER HG   H N N 169 
SER HXT  H N N 170 
TYR N    N N N 171 
TYR CA   C N S 172 
TYR C    C N N 173 
TYR O    O N N 174 
TYR CB   C N N 175 
TYR CG   C Y N 176 
TYR CD1  C Y N 177 
TYR CD2  C Y N 178 
TYR CE1  C Y N 179 
TYR CE2  C Y N 180 
TYR CZ   C Y N 181 
TYR OH   O N N 182 
TYR OXT  O N N 183 
TYR H    H N N 184 
TYR H2   H N N 185 
TYR HA   H N N 186 
TYR HB2  H N N 187 
TYR HB3  H N N 188 
TYR HD1  H N N 189 
TYR HD2  H N N 190 
TYR HE1  H N N 191 
TYR HE2  H N N 192 
TYR HH   H N N 193 
TYR HXT  H N N 194 
VAL N    N N N 195 
VAL CA   C N S 196 
VAL C    C N N 197 
VAL O    O N N 198 
VAL CB   C N N 199 
VAL CG1  C N N 200 
VAL CG2  C N N 201 
VAL OXT  O N N 202 
VAL H    H N N 203 
VAL H2   H N N 204 
VAL HA   H N N 205 
VAL HB   H N N 206 
VAL HG11 H N N 207 
VAL HG12 H N N 208 
VAL HG13 H N N 209 
VAL HG21 H N N 210 
VAL HG22 H N N 211 
VAL HG23 H N N 212 
VAL HXT  H N N 213 
# 
loop_
_chem_comp_bond.comp_id 
_chem_comp_bond.atom_id_1 
_chem_comp_bond.atom_id_2 
_chem_comp_bond.value_order 
_chem_comp_bond.pdbx_aromatic_flag 
_chem_comp_bond.pdbx_stereo_config 
_chem_comp_bond.pdbx_ordinal 
ALA N   CA   sing N N 1   
ALA N   H    sing N N 2   
ALA N   H2   sing N N 3   
ALA CA  C    sing N N 4   
ALA CA  CB   sing N N 5   
ALA CA  HA   sing N N 6   
ALA C   O    doub N N 7   
ALA C   OXT  sing N N 8   
ALA CB  HB1  sing N N 9   
ALA CB  HB2  sing N N 10  
ALA CB  HB3  sing N N 11  
ALA OXT HXT  sing N N 12  
CYS N   CA   sing N N 13  
CYS N   H    sing N N 14  
CYS N   H2   sing N N 15  
CYS CA  C    sing N N 16  
CYS CA  CB   sing N N 17  
CYS CA  HA   sing N N 18  
CYS C   O    doub N N 19  
CYS C   OXT  sing N N 20  
CYS CB  SG   sing N N 21  
CYS CB  HB2  sing N N 22  
CYS CB  HB3  sing N N 23  
CYS SG  HG   sing N N 24  
CYS OXT HXT  sing N N 25  
GLN N   CA   sing N N 26  
GLN N   H    sing N N 27  
GLN N   H2   sing N N 28  
GLN CA  C    sing N N 29  
GLN CA  CB   sing N N 30  
GLN CA  HA   sing N N 31  
GLN C   O    doub N N 32  
GLN C   OXT  sing N N 33  
GLN CB  CG   sing N N 34  
GLN CB  HB2  sing N N 35  
GLN CB  HB3  sing N N 36  
GLN CG  CD   sing N N 37  
GLN CG  HG2  sing N N 38  
GLN CG  HG3  sing N N 39  
GLN CD  OE1  doub N N 40  
GLN CD  NE2  sing N N 41  
GLN NE2 HE21 sing N N 42  
GLN NE2 HE22 sing N N 43  
GLN OXT HXT  sing N N 44  
ILE N   CA   sing N N 45  
ILE N   H    sing N N 46  
ILE N   H2   sing N N 47  
ILE CA  C    sing N N 48  
ILE CA  CB   sing N N 49  
ILE CA  HA   sing N N 50  
ILE C   O    doub N N 51  
ILE C   OXT  sing N N 52  
ILE CB  CG1  sing N N 53  
ILE CB  CG2  sing N N 54  
ILE CB  HB   sing N N 55  
ILE CG1 CD1  sing N N 56  
ILE CG1 HG12 sing N N 57  
ILE CG1 HG13 sing N N 58  
ILE CG2 HG21 sing N N 59  
ILE CG2 HG22 sing N N 60  
ILE CG2 HG23 sing N N 61  
ILE CD1 HD11 sing N N 62  
ILE CD1 HD12 sing N N 63  
ILE CD1 HD13 sing N N 64  
ILE OXT HXT  sing N N 65  
LEU N   CA   sing N N 66  
LEU N   H    sing N N 67  
LEU N   H2   sing N N 68  
LEU CA  C    sing N N 69  
LEU CA  CB   sing N N 70  
LEU CA  HA   sing N N 71  
LEU C   O    doub N N 72  
LEU C   OXT  sing N N 73  
LEU CB  CG   sing N N 74  
LEU CB  HB2  sing N N 75  
LEU CB  HB3  sing N N 76  
LEU CG  CD1  sing N N 77  
LEU CG  CD2  sing N N 78  
LEU CG  HG   sing N N 79  
LEU CD1 HD11 sing N N 80  
LEU CD1 HD12 sing N N 81  
LEU CD1 HD13 sing N N 82  
LEU CD2 HD21 sing N N 83  
LEU CD2 HD22 sing N N 84  
LEU CD2 HD23 sing N N 85  
LEU OXT HXT  sing N N 86  
LYS N   CA   sing N N 87  
LYS N   H    sing N N 88  
LYS N   H2   sing N N 89  
LYS CA  C    sing N N 90  
LYS CA  CB   sing N N 91  
LYS CA  HA   sing N N 92  
LYS C   O    doub N N 93  
LYS C   OXT  sing N N 94  
LYS CB  CG   sing N N 95  
LYS CB  HB2  sing N N 96  
LYS CB  HB3  sing N N 97  
LYS CG  CD   sing N N 98  
LYS CG  HG2  sing N N 99  
LYS CG  HG3  sing N N 100 
LYS CD  CE   sing N N 101 
LYS CD  HD2  sing N N 102 
LYS CD  HD3  sing N N 103 
LYS CE  NZ   sing N N 104 
LYS CE  HE2  sing N N 105 
LYS CE  HE3  sing N N 106 
LYS NZ  HZ1  sing N N 107 
LYS NZ  HZ2  sing N N 108 
LYS NZ  HZ3  sing N N 109 
LYS OXT HXT  sing N N 110 
PHE N   CA   sing N N 111 
PHE N   H    sing N N 112 
PHE N   H2   sing N N 113 
PHE CA  C    sing N N 114 
PHE CA  CB   sing N N 115 
PHE CA  HA   sing N N 116 
PHE C   O    doub N N 117 
PHE C   OXT  sing N N 118 
PHE CB  CG   sing N N 119 
PHE CB  HB2  sing N N 120 
PHE CB  HB3  sing N N 121 
PHE CG  CD1  doub Y N 122 
PHE CG  CD2  sing Y N 123 
PHE CD1 CE1  sing Y N 124 
PHE CD1 HD1  sing N N 125 
PHE CD2 CE2  doub Y N 126 
PHE CD2 HD2  sing N N 127 
PHE CE1 CZ   doub Y N 128 
PHE CE1 HE1  sing N N 129 
PHE CE2 CZ   sing Y N 130 
PHE CE2 HE2  sing N N 131 
PHE CZ  HZ   sing N N 132 
PHE OXT HXT  sing N N 133 
PRO N   CA   sing N N 134 
PRO N   CD   sing N N 135 
PRO N   H    sing N N 136 
PRO CA  C    sing N N 137 
PRO CA  CB   sing N N 138 
PRO CA  HA   sing N N 139 
PRO C   O    doub N N 140 
PRO C   OXT  sing N N 141 
PRO CB  CG   sing N N 142 
PRO CB  HB2  sing N N 143 
PRO CB  HB3  sing N N 144 
PRO CG  CD   sing N N 145 
PRO CG  HG2  sing N N 146 
PRO CG  HG3  sing N N 147 
PRO CD  HD2  sing N N 148 
PRO CD  HD3  sing N N 149 
PRO OXT HXT  sing N N 150 
SER N   CA   sing N N 151 
SER N   H    sing N N 152 
SER N   H2   sing N N 153 
SER CA  C    sing N N 154 
SER CA  CB   sing N N 155 
SER CA  HA   sing N N 156 
SER C   O    doub N N 157 
SER C   OXT  sing N N 158 
SER CB  OG   sing N N 159 
SER CB  HB2  sing N N 160 
SER CB  HB3  sing N N 161 
SER OG  HG   sing N N 162 
SER OXT HXT  sing N N 163 
TYR N   CA   sing N N 164 
TYR N   H    sing N N 165 
TYR N   H2   sing N N 166 
TYR CA  C    sing N N 167 
TYR CA  CB   sing N N 168 
TYR CA  HA   sing N N 169 
TYR C   O    doub N N 170 
TYR C   OXT  sing N N 171 
TYR CB  CG   sing N N 172 
TYR CB  HB2  sing N N 173 
TYR CB  HB3  sing N N 174 
TYR CG  CD1  doub Y N 175 
TYR CG  CD2  sing Y N 176 
TYR CD1 CE1  sing Y N 177 
TYR CD1 HD1  sing N N 178 
TYR CD2 CE2  doub Y N 179 
TYR CD2 HD2  sing N N 180 
TYR CE1 CZ   doub Y N 181 
TYR CE1 HE1  sing N N 182 
TYR CE2 CZ   sing Y N 183 
TYR CE2 HE2  sing N N 184 
TYR CZ  OH   sing N N 185 
TYR OH  HH   sing N N 186 
TYR OXT HXT  sing N N 187 
VAL N   CA   sing N N 188 
VAL N   H    sing N N 189 
VAL N   H2   sing N N 190 
VAL CA  C    sing N N 191 
VAL CA  CB   sing N N 192 
VAL CA  HA   sing N N 193 
VAL C   O    doub N N 194 
VAL C   OXT  sing N N 195 
VAL CB  CG1  sing N N 196 
VAL CB  CG2  sing N N 197 
VAL CB  HB   sing N N 198 
VAL CG1 HG11 sing N N 199 
VAL CG1 HG12 sing N N 200 
VAL CG1 HG13 sing N N 201 
VAL CG2 HG21 sing N N 202 
VAL CG2 HG22 sing N N 203 
VAL CG2 HG23 sing N N 204 
VAL OXT HXT  sing N N 205 
# 
_pdbx_nmr_spectrometer.spectrometer_id   1 
_pdbx_nmr_spectrometer.type              ? 
_pdbx_nmr_spectrometer.manufacturer      Home-built 
_pdbx_nmr_spectrometer.model             Magnex 
_pdbx_nmr_spectrometer.field_strength    700 
# 
_atom_sites.entry_id                    1PJD 
_atom_sites.fract_transf_matrix[1][1]   1.000000 
_atom_sites.fract_transf_matrix[1][2]   0.000000 
_atom_sites.fract_transf_matrix[1][3]   0.000000 
_atom_sites.fract_transf_matrix[2][1]   0.000000 
_atom_sites.fract_transf_matrix[2][2]   1.000000 
_atom_sites.fract_transf_matrix[2][3]   0.000000 
_atom_sites.fract_transf_matrix[3][1]   0.000000 
_atom_sites.fract_transf_matrix[3][2]   0.000000 
_atom_sites.fract_transf_matrix[3][3]   1.000000 
_atom_sites.fract_transf_vector[1]      0.00000 
_atom_sites.fract_transf_vector[2]      0.00000 
_atom_sites.fract_transf_vector[3]      0.00000 
# 
loop_
_atom_type.symbol 
C 
H 
N 
O 
# 
loop_
_atom_site.group_PDB 
_atom_site.id 
_atom_site.type_symbol 
_atom_site.label_atom_id 
_atom_site.label_alt_id 
_atom_site.label_comp_id 
_atom_site.label_asym_id 
_atom_site.label_entity_id 
_atom_site.label_seq_id 
_atom_site.pdbx_PDB_ins_code 
_atom_site.Cartn_x 
_atom_site.Cartn_y 
_atom_site.Cartn_z 
_atom_site.occupancy 
_atom_site.B_iso_or_equiv 
_atom_site.pdbx_formal_charge 
_atom_site.auth_seq_id 
_atom_site.auth_comp_id 
_atom_site.auth_asym_id 
_atom_site.auth_atom_id 
_atom_site.pdbx_PDB_model_num 
ATOM 1  C CA . SER A 1 3  ? -3.372 7.004   8.642  1.00 0.00 ? 3  SER A CA 1 
ATOM 2  C C  . SER A 1 3  ? -3.476 7.014   7.126  1.00 0.00 ? 3  SER A C  1 
ATOM 3  O O  . SER A 1 3  ? -4.245 6.254   6.541  1.00 0.00 ? 3  SER A O  1 
ATOM 4  N N  . LEU A 1 4  ? -2.690 7.887   6.502  1.00 0.00 ? 4  LEU A N  1 
ATOM 5  C CA . LEU A 1 4  ? -2.673 8.019   5.048  1.00 0.00 ? 4  LEU A CA 1 
ATOM 6  C C  . LEU A 1 4  ? -1.560 7.173   4.450  1.00 0.00 ? 4  LEU A C  1 
ATOM 7  O O  . LEU A 1 4  ? -1.770 6.452   3.477  1.00 0.00 ? 4  LEU A O  1 
ATOM 8  H H  . LEU A 1 4  ? -2.081 8.484   7.042  1.00 0.00 ? 4  LEU A H  1 
ATOM 9  N N  . LEU A 1 5  ? -0.377 7.274   5.048  1.00 0.00 ? 5  LEU A N  1 
ATOM 10 C CA . LEU A 1 5  ? 0.793  6.526   4.594  1.00 0.00 ? 5  LEU A CA 1 
ATOM 11 C C  . LEU A 1 5  ? 0.585  5.035   4.805  1.00 0.00 ? 5  LEU A C  1 
ATOM 12 O O  . LEU A 1 5  ? 0.448  4.276   3.847  1.00 0.00 ? 5  LEU A O  1 
ATOM 13 H H  . LEU A 1 5  ? -0.272 7.886   5.845  1.00 0.00 ? 5  LEU A H  1 
ATOM 14 N N  . VAL A 1 6  ? 0.565  4.630   6.071  1.00 0.00 ? 6  VAL A N  1 
ATOM 15 C CA . VAL A 1 6  ? 0.377  3.230   6.440  1.00 0.00 ? 6  VAL A CA 1 
ATOM 16 C C  . VAL A 1 6  ? -0.577 2.549   5.471  1.00 0.00 ? 6  VAL A C  1 
ATOM 17 O O  . VAL A 1 6  ? -0.460 1.355   5.206  1.00 0.00 ? 6  VAL A O  1 
ATOM 18 H H  . VAL A 1 6  ? 0.683  5.308   6.811  1.00 0.00 ? 6  VAL A H  1 
ATOM 19 N N  . PRO A 1 7  ? -1.519 3.328   4.949  1.00 0.00 ? 7  PRO A N  1 
ATOM 20 C CA . PRO A 1 7  ? -2.512 2.825   4.003  1.00 0.00 ? 7  PRO A CA 1 
ATOM 21 C C  . PRO A 1 7  ? -1.926 2.761   2.602  1.00 0.00 ? 7  PRO A C  1 
ATOM 22 O O  . PRO A 1 7  ? -2.123 1.787   1.880  1.00 0.00 ? 7  PRO A O  1 
ATOM 23 N N  . SER A 1 8  ? -1.206 3.816   2.230  1.00 0.00 ? 8  SER A N  1 
ATOM 24 C CA . SER A 1 8  ? -0.577 3.909   0.917  1.00 0.00 ? 8  SER A CA 1 
ATOM 25 C C  . SER A 1 8  ? 0.316  2.704   0.668  1.00 0.00 ? 8  SER A C  1 
ATOM 26 O O  . SER A 1 8  ? 0.079  1.921   -0.250 1.00 0.00 ? 8  SER A O  1 
ATOM 27 H H  . SER A 1 8  ? -1.083 4.587   2.872  1.00 0.00 ? 8  SER A H  1 
ATOM 28 N N  . ILE A 1 9  ? 1.344  2.570   1.501  1.00 0.00 ? 9  ILE A N  1 
ATOM 29 C CA . ILE A 1 9  ? 2.295  1.467   1.396  1.00 0.00 ? 9  ILE A CA 1 
ATOM 30 C C  . ILE A 1 9  ? 1.590  0.197   0.946  1.00 0.00 ? 9  ILE A C  1 
ATOM 31 O O  . ILE A 1 9  ? 2.176  -0.644  0.270  1.00 0.00 ? 9  ILE A O  1 
ATOM 32 H H  . ILE A 1 9  ? 1.480  3.249   2.236  1.00 0.00 ? 9  ILE A H  1 
ATOM 33 N N  . ILE A 1 10 ? 0.323  0.075   1.332  1.00 0.00 ? 10 ILE A N  1 
ATOM 34 C CA . ILE A 1 10 ? -0.491 -1.084  0.982  1.00 0.00 ? 10 ILE A CA 1 
ATOM 35 C C  . ILE A 1 10 ? -0.748 -1.121  -0.516 1.00 0.00 ? 10 ILE A C  1 
ATOM 36 O O  . ILE A 1 10 ? -0.343 -2.056  -1.203 1.00 0.00 ? 10 ILE A O  1 
ATOM 37 H H  . ILE A 1 10 ? -0.101 0.805   1.887  1.00 0.00 ? 10 ILE A H  1 
ATOM 38 N N  . PHE A 1 11 ? -1.427 -0.089  -1.008 1.00 0.00 ? 11 PHE A N  1 
ATOM 39 C CA . PHE A 1 11 ? -1.755 0.024   -2.425 1.00 0.00 ? 11 PHE A CA 1 
ATOM 40 C C  . PHE A 1 11 ? -0.592 -0.453  -3.281 1.00 0.00 ? 11 PHE A C  1 
ATOM 41 O O  . PHE A 1 11 ? -0.745 -1.343  -4.114 1.00 0.00 ? 11 PHE A O  1 
ATOM 42 H H  . PHE A 1 11 ? -1.732 0.649   -0.388 1.00 0.00 ? 11 PHE A H  1 
ATOM 43 N N  . ILE A 1 12 ? 0.571  0.155   -3.059 1.00 0.00 ? 12 ILE A N  1 
ATOM 44 C CA . ILE A 1 12 ? 1.783  -0.188  -3.797 1.00 0.00 ? 12 ILE A CA 1 
ATOM 45 C C  . ILE A 1 12 ? 2.075  -1.675  -3.680 1.00 0.00 ? 12 ILE A C  1 
ATOM 46 O O  . ILE A 1 12 ? 2.600  -2.290  -4.606 1.00 0.00 ? 12 ILE A O  1 
ATOM 47 H H  . ILE A 1 12 ? 0.628  0.880   -2.357 1.00 0.00 ? 12 ILE A H  1 
ATOM 48 N N  . LEU A 1 13 ? 1.725  -2.241  -2.527 1.00 0.00 ? 13 LEU A N  1 
ATOM 49 C CA . LEU A 1 13 ? 1.938  -3.659  -2.258 1.00 0.00 ? 13 LEU A CA 1 
ATOM 50 C C  . LEU A 1 13 ? 1.226  -4.511  -3.297 1.00 0.00 ? 13 LEU A C  1 
ATOM 51 O O  . LEU A 1 13 ? 1.682  -5.598  -3.642 1.00 0.00 ? 13 LEU A O  1 
ATOM 52 H H  . LEU A 1 13 ? 1.297  -1.677  -1.807 1.00 0.00 ? 13 LEU A H  1 
ATOM 53 N N  . ALA A 1 14 ? 0.102  -3.998  -3.788 1.00 0.00 ? 14 ALA A N  1 
ATOM 54 C CA . ALA A 1 14 ? -0.700 -4.692  -4.792 1.00 0.00 ? 14 ALA A CA 1 
ATOM 55 C C  . ALA A 1 14 ? 0.190  -5.241  -5.896 1.00 0.00 ? 14 ALA A C  1 
ATOM 56 O O  . ALA A 1 14 ? -0.209 -6.133  -6.642 1.00 0.00 ? 14 ALA A O  1 
ATOM 57 H H  . ALA A 1 14 ? -0.219 -3.098  -3.460 1.00 0.00 ? 14 ALA A H  1 
ATOM 58 N N  . TYR A 1 15 ? 1.398  -4.694  -5.985 1.00 0.00 ? 15 TYR A N  1 
ATOM 59 C CA . TYR A 1 15 ? 2.371  -5.110  -6.992 1.00 0.00 ? 15 TYR A CA 1 
ATOM 60 C C  . TYR A 1 15 ? 2.800  -6.549  -6.754 1.00 0.00 ? 15 TYR A C  1 
ATOM 61 O O  . TYR A 1 15 ? 3.368  -7.191  -7.635 1.00 0.00 ? 15 TYR A O  1 
ATOM 62 H H  . TYR A 1 15 ? 1.663  -3.963  -5.340 1.00 0.00 ? 15 TYR A H  1 
ATOM 63 N N  . SER A 1 16 ? 2.518  -7.041  -5.550 1.00 0.00 ? 16 SER A N  1 
ATOM 64 C CA . SER A 1 16 ? 2.865  -8.406  -5.165 1.00 0.00 ? 16 SER A CA 1 
ATOM 65 C C  . SER A 1 16 ? 1.941  -9.402  -5.846 1.00 0.00 ? 16 SER A C  1 
ATOM 66 O O  . SER A 1 16 ? 2.365  -10.481 -6.252 1.00 0.00 ? 16 SER A O  1 
ATOM 67 H H  . SER A 1 16 ? 2.047  -6.459  -4.873 1.00 0.00 ? 16 SER A H  1 
ATOM 68 N N  . LEU A 1 17 ? 0.672  -9.021  -5.964 1.00 0.00 ? 17 LEU A N  1 
ATOM 69 C CA . LEU A 1 17 ? -0.341 -9.864  -6.593 1.00 0.00 ? 17 LEU A CA 1 
ATOM 70 H H  . LEU A 1 17 ? 0.387  -8.119  -5.609 1.00 0.00 ? 17 LEU A H  1 
# 
